data_7UV6
#
_entry.id   7UV6
#
_cell.length_a   74.085
_cell.length_b   128.495
_cell.length_c   137.260
_cell.angle_alpha   90.000
_cell.angle_beta   90.000
_cell.angle_gamma   90.000
#
_symmetry.space_group_name_H-M   'I 2 2 2'
#
loop_
_entity.id
_entity.type
_entity.pdbx_description
1 polymer "DNA (5'-D(*AP*CP*CP*TP*GP*TP*GP*AP*CP*AP*AP*AP*TP*TP*GP*CP*CP*CP*TP*CP*A)-3')"
2 polymer "DNA (5'-D(*TP*CP*TP*GP*AP*GP*GP*GP*CP*AP*AP*TP*TP*TP*GP*TP*CP*AP*CP*AP*G)-3')"
3 polymer 'Replication initiation protein'
4 polymer "DNA (5'-D(*GP*AP*CP*GP*GP*CP*CP*CP*GP*G)-3')"
5 polymer "DNA (5'-D(*GP*T(TAMRA)P*CP*CP*GP*GP*GP*CP*CP*G)-3')"
6 non-polymer 'MAGNESIUM ION'
7 water water
#
loop_
_entity_poly.entity_id
_entity_poly.type
_entity_poly.pdbx_seq_one_letter_code
_entity_poly.pdbx_strand_id
1 'polydeoxyribonucleotide'
;(DA)(DC)(DC)(DT)(DG)(DT)(DG)(DA)(DC)(DA)(DA)(DA)(DT)(DT)(DG)(DC)(DC)(DC)(DT)(DC)
(DA)
;
A
2 'polydeoxyribonucleotide'
;(DT)(DC)(DT)(DG)(DA)(DG)(DG)(DG)(DC)(DA)(DA)(DT)(DT)(DT)(DG)(DT)(DC)(DA)(DC)(DA)
(DG)
;
B
3 'polypeptide(L)'
;MRGSHHHHHHGSMAETAVINHKKRKNSPRIVQSNDLTEAAYSLSRDQKRMLYLFVDQIRKSDGTLQEHDGICEIHVAKYA
EIFGLTSAEASKDIRQALKSFAGKEVVFYRPEEDAGDEKGYESFPWFIKPAHSPSRGLYSVHINPYLIPFFIGLQNRFTQ
FRLSETKEITNPYAMRLYESLCQYRKPDGSGIVSLKIDWIIERYQLPQSYQRMPDFRRRFLQVCVNEINSRTPMRLSYIE
KKKGRQTTHIVFSFRDITSMTTG
;
C
4 'polydeoxyribonucleotide' (DG)(DA)(DC)(DG)(DG)(DC)(DC)(DC)(DG)(DG) E
5 'polydeoxyribonucleotide' (DG)(DT)(DC)(DC)(DG)(DG)(DG)(DC)(DC)(DG) F
#
# COMPACT_ATOMS: atom_id res chain seq x y z
N ASN C 26 2.55 -9.27 18.21
CA ASN C 26 2.00 -8.15 18.96
C ASN C 26 0.91 -7.36 18.20
N SER C 27 1.32 -6.73 17.08
CA SER C 27 0.56 -5.80 16.24
C SER C 27 -0.41 -6.55 15.31
N PRO C 28 -1.43 -5.85 14.80
CA PRO C 28 -2.44 -6.48 13.92
C PRO C 28 -1.82 -6.98 12.62
N ARG C 29 -2.12 -8.23 12.27
CA ARG C 29 -1.52 -8.93 11.14
C ARG C 29 -2.34 -8.81 9.83
N ILE C 30 -1.87 -7.96 8.90
CA ILE C 30 -2.50 -7.79 7.59
C ILE C 30 -2.14 -8.92 6.66
N VAL C 31 -3.17 -9.50 6.03
CA VAL C 31 -3.00 -10.45 4.93
C VAL C 31 -3.91 -9.96 3.80
N GLN C 32 -3.46 -10.19 2.56
CA GLN C 32 -4.21 -9.73 1.41
C GLN C 32 -3.90 -10.62 0.20
N SER C 33 -4.90 -10.73 -0.68
CA SER C 33 -4.70 -11.40 -1.95
C SER C 33 -3.57 -10.76 -2.75
N ASN C 34 -2.75 -11.58 -3.39
CA ASN C 34 -1.73 -11.02 -4.28
C ASN C 34 -2.34 -10.12 -5.34
N ASP C 35 -3.61 -10.33 -5.70
CA ASP C 35 -4.22 -9.50 -6.75
C ASP C 35 -4.26 -8.03 -6.35
N LEU C 36 -4.40 -7.75 -5.06
CA LEU C 36 -4.37 -6.39 -4.56
C LEU C 36 -2.94 -5.87 -4.44
N THR C 37 -2.00 -6.72 -4.03
CA THR C 37 -0.61 -6.30 -3.96
C THR C 37 -0.18 -5.76 -5.32
N GLU C 38 -0.70 -6.40 -6.39
CA GLU C 38 -0.34 -6.13 -7.77
C GLU C 38 -1.43 -5.35 -8.51
N ALA C 39 -2.43 -4.81 -7.83
CA ALA C 39 -3.48 -4.07 -8.53
C ALA C 39 -2.97 -2.68 -8.95
N ALA C 40 -3.64 -2.09 -9.95
CA ALA C 40 -3.34 -0.73 -10.39
C ALA C 40 -4.30 0.27 -9.74
N TYR C 41 -3.74 1.21 -8.99
CA TYR C 41 -4.54 2.24 -8.34
C TYR C 41 -3.64 3.37 -7.83
N SER C 42 -4.27 4.47 -7.46
CA SER C 42 -3.51 5.61 -6.96
C SER C 42 -4.14 6.09 -5.64
N LEU C 43 -3.54 5.75 -4.50
CA LEU C 43 -3.99 6.20 -3.19
C LEU C 43 -2.86 6.91 -2.43
N SER C 44 -3.26 7.86 -1.60
CA SER C 44 -2.36 8.58 -0.71
C SER C 44 -1.96 7.70 0.46
N ARG C 45 -0.98 8.20 1.22
CA ARG C 45 -0.56 7.52 2.44
C ARG C 45 -1.76 7.34 3.39
N ASP C 46 -2.49 8.42 3.68
CA ASP C 46 -3.64 8.33 4.61
C ASP C 46 -4.69 7.34 4.11
N GLN C 47 -4.99 7.35 2.82
CA GLN C 47 -5.96 6.39 2.32
C GLN C 47 -5.49 4.96 2.48
N LYS C 48 -4.22 4.71 2.19
CA LYS C 48 -3.71 3.35 2.33
C LYS C 48 -3.72 2.91 3.78
N ARG C 49 -3.46 3.82 4.72
CA ARG C 49 -3.54 3.46 6.12
C ARG C 49 -4.94 2.98 6.49
N MET C 50 -5.95 3.71 6.03
CA MET C 50 -7.32 3.33 6.31
C MET C 50 -7.66 2.00 5.66
N LEU C 51 -7.17 1.80 4.42
CA LEU C 51 -7.46 0.57 3.67
C LEU C 51 -6.97 -0.68 4.43
N TYR C 52 -5.87 -0.55 5.18
CA TYR C 52 -5.39 -1.69 5.97
C TYR C 52 -6.41 -2.08 7.03
N LEU C 53 -7.09 -1.10 7.64
CA LEU C 53 -8.06 -1.44 8.68
C LEU C 53 -9.33 -2.02 8.06
N PHE C 54 -9.74 -1.49 6.91
CA PHE C 54 -10.89 -2.06 6.21
C PHE C 54 -10.66 -3.53 5.88
N VAL C 55 -9.51 -3.83 5.27
CA VAL C 55 -9.17 -5.21 4.98
C VAL C 55 -9.14 -6.04 6.26
N ASP C 56 -8.73 -5.45 7.40
CA ASP C 56 -8.79 -6.22 8.65
C ASP C 56 -10.23 -6.50 9.09
N GLN C 57 -11.12 -5.49 9.07
CA GLN C 57 -12.48 -5.75 9.52
C GLN C 57 -13.14 -6.82 8.66
N ILE C 58 -13.26 -6.53 7.37
CA ILE C 58 -13.74 -7.43 6.32
C ILE C 58 -13.31 -8.87 6.53
N ARG C 59 -12.01 -9.11 6.71
CA ARG C 59 -11.49 -10.48 6.76
C ARG C 59 -11.97 -11.24 7.99
N LYS C 60 -12.11 -10.55 9.12
CA LYS C 60 -12.70 -11.13 10.32
C LYS C 60 -14.22 -11.21 10.19
N SER C 61 -14.71 -12.31 9.62
CA SER C 61 -16.15 -12.57 9.44
C SER C 61 -16.42 -14.02 9.04
N HIS C 68 -20.65 -11.34 4.92
CA HIS C 68 -20.37 -9.93 5.20
C HIS C 68 -20.90 -9.02 4.08
N ASP C 69 -20.91 -7.70 4.32
CA ASP C 69 -21.65 -6.76 3.46
C ASP C 69 -20.87 -5.50 3.09
N GLY C 70 -19.58 -5.43 3.37
CA GLY C 70 -18.78 -4.31 2.93
C GLY C 70 -18.77 -3.10 3.85
N ILE C 71 -19.62 -3.07 4.86
CA ILE C 71 -19.77 -1.88 5.72
C ILE C 71 -18.74 -1.90 6.86
N CYS C 72 -17.81 -0.94 6.83
CA CYS C 72 -16.81 -0.77 7.87
C CYS C 72 -17.02 0.53 8.64
N GLU C 73 -16.19 0.73 9.67
CA GLU C 73 -16.31 1.84 10.59
C GLU C 73 -14.92 2.24 11.08
N ILE C 74 -14.72 3.54 11.32
CA ILE C 74 -13.44 4.04 11.83
C ILE C 74 -13.71 5.01 12.98
N HIS C 75 -13.05 4.77 14.11
CA HIS C 75 -13.13 5.66 15.25
C HIS C 75 -11.94 6.61 15.27
N VAL C 76 -12.21 7.90 15.41
CA VAL C 76 -11.14 8.90 15.42
C VAL C 76 -10.11 8.58 16.52
N ALA C 77 -10.58 8.30 17.75
CA ALA C 77 -9.63 8.17 18.86
C ALA C 77 -8.74 6.93 18.75
N LYS C 78 -9.24 5.84 18.14
CA LYS C 78 -8.40 4.65 17.94
C LYS C 78 -7.38 4.87 16.83
N TYR C 79 -7.80 5.49 15.71
CA TYR C 79 -6.86 5.84 14.65
C TYR C 79 -5.70 6.65 15.19
N ALA C 80 -5.99 7.64 16.04
CA ALA C 80 -4.94 8.49 16.57
C ALA C 80 -3.94 7.67 17.35
N GLU C 81 -4.42 6.75 18.21
CA GLU C 81 -3.52 5.92 19.01
C GLU C 81 -2.68 4.99 18.16
N ILE C 82 -3.28 4.41 17.13
CA ILE C 82 -2.57 3.45 16.29
C ILE C 82 -1.40 4.15 15.59
N PHE C 83 -1.65 5.33 15.02
CA PHE C 83 -0.66 6.02 14.20
C PHE C 83 0.01 7.20 14.88
N GLY C 84 -0.06 7.29 16.22
CA GLY C 84 0.59 8.36 16.96
C GLY C 84 0.30 9.80 16.56
N LEU C 85 -0.98 10.10 16.33
CA LEU C 85 -1.49 11.43 15.98
C LEU C 85 -2.28 12.03 17.13
N THR C 86 -2.41 13.37 17.11
CA THR C 86 -3.40 14.00 18.00
C THR C 86 -4.81 13.73 17.48
N SER C 87 -5.80 14.00 18.33
CA SER C 87 -7.19 13.84 17.91
C SER C 87 -7.52 14.77 16.75
N ALA C 88 -7.10 16.03 16.84
CA ALA C 88 -7.36 17.00 15.78
C ALA C 88 -6.78 16.52 14.44
N GLU C 89 -5.50 16.16 14.42
CA GLU C 89 -4.92 15.78 13.14
C GLU C 89 -5.45 14.45 12.64
N ALA C 90 -5.82 13.52 13.52
CA ALA C 90 -6.57 12.33 13.10
C ALA C 90 -7.88 12.73 12.41
N SER C 91 -8.66 13.59 13.05
CA SER C 91 -9.89 14.06 12.42
C SER C 91 -9.61 14.63 11.03
N LYS C 92 -8.59 15.50 10.91
CA LYS C 92 -8.28 16.07 9.60
C LYS C 92 -7.86 15.00 8.60
N ASP C 93 -7.08 14.01 9.05
CA ASP C 93 -6.60 13.02 8.09
C ASP C 93 -7.76 12.19 7.58
N ILE C 94 -8.60 11.65 8.51
CA ILE C 94 -9.76 10.86 8.08
C ILE C 94 -10.65 11.69 7.14
N ARG C 95 -11.06 12.89 7.56
CA ARG C 95 -12.00 13.67 6.75
C ARG C 95 -11.48 13.87 5.32
N GLN C 96 -10.24 14.34 5.15
CA GLN C 96 -9.79 14.64 3.80
C GLN C 96 -9.54 13.36 2.98
N ALA C 97 -8.97 12.31 3.60
CA ALA C 97 -8.82 11.01 2.92
C ALA C 97 -10.17 10.48 2.38
N LEU C 98 -11.24 10.53 3.20
CA LEU C 98 -12.53 9.97 2.81
C LEU C 98 -13.14 10.70 1.61
N LYS C 99 -13.06 12.05 1.59
CA LYS C 99 -13.56 12.83 0.45
C LYS C 99 -12.79 12.52 -0.83
N SER C 100 -11.51 12.18 -0.73
CA SER C 100 -10.72 11.99 -1.93
C SER C 100 -10.86 10.61 -2.51
N PHE C 101 -11.69 9.73 -1.92
CA PHE C 101 -11.92 8.41 -2.51
C PHE C 101 -12.83 8.49 -3.74
N ALA C 102 -13.71 9.50 -3.76
CA ALA C 102 -14.69 9.66 -4.83
C ALA C 102 -14.02 9.61 -6.18
N GLY C 103 -14.54 8.77 -7.05
CA GLY C 103 -14.01 8.69 -8.37
C GLY C 103 -12.81 7.79 -8.49
N LYS C 104 -12.20 7.32 -7.39
CA LYS C 104 -11.09 6.38 -7.51
C LYS C 104 -11.51 4.98 -7.96
N GLU C 105 -10.73 4.37 -8.85
CA GLU C 105 -10.91 2.99 -9.30
C GLU C 105 -9.74 2.12 -8.86
N VAL C 106 -9.99 0.82 -8.89
CA VAL C 106 -8.97 -0.20 -8.71
C VAL C 106 -9.11 -1.05 -9.96
N VAL C 107 -7.99 -1.40 -10.57
CA VAL C 107 -8.01 -2.23 -11.78
C VAL C 107 -7.22 -3.51 -11.49
N PHE C 108 -7.86 -4.66 -11.71
CA PHE C 108 -7.21 -5.96 -11.56
C PHE C 108 -6.98 -6.57 -12.94
N TYR C 109 -5.72 -6.87 -13.24
CA TYR C 109 -5.26 -7.35 -14.55
C TYR C 109 -5.27 -8.88 -14.70
N TYR C 121 -7.63 -7.24 -16.83
CA TYR C 121 -8.05 -5.83 -16.85
C TYR C 121 -9.50 -5.63 -16.39
N GLU C 122 -9.74 -5.43 -15.09
CA GLU C 122 -11.11 -5.27 -14.63
C GLU C 122 -11.14 -4.12 -13.61
N SER C 123 -12.00 -3.11 -13.80
CA SER C 123 -12.03 -1.92 -12.94
C SER C 123 -13.28 -1.82 -12.07
N PHE C 124 -13.09 -1.43 -10.80
CA PHE C 124 -14.14 -1.24 -9.80
C PHE C 124 -13.90 0.05 -9.04
N PRO C 125 -14.96 0.72 -8.60
CA PRO C 125 -14.78 1.82 -7.66
C PRO C 125 -14.64 1.28 -6.24
N TRP C 126 -13.83 1.97 -5.44
CA TRP C 126 -13.64 1.52 -4.07
C TRP C 126 -14.96 1.62 -3.27
N PHE C 127 -15.65 2.77 -3.35
CA PHE C 127 -16.87 3.04 -2.58
C PHE C 127 -18.09 3.12 -3.49
N ILE C 128 -19.25 2.66 -3.01
CA ILE C 128 -20.47 2.77 -3.81
C ILE C 128 -21.51 3.70 -3.18
N LYS C 129 -21.15 4.36 -2.07
CA LYS C 129 -21.98 5.35 -1.38
C LYS C 129 -21.03 6.26 -0.61
N PRO C 130 -21.37 7.54 -0.44
CA PRO C 130 -20.51 8.42 0.37
C PRO C 130 -20.43 7.95 1.83
N ALA C 131 -19.30 8.27 2.47
CA ALA C 131 -19.09 8.07 3.90
C ALA C 131 -19.94 9.04 4.73
N HIS C 132 -20.18 8.69 6.00
CA HIS C 132 -20.96 9.56 6.86
C HIS C 132 -20.68 9.26 8.33
N SER C 133 -20.98 10.23 9.19
CA SER C 133 -20.73 10.16 10.62
C SER C 133 -22.04 9.93 11.34
N PRO C 134 -22.31 8.71 11.83
CA PRO C 134 -23.51 8.51 12.67
C PRO C 134 -23.38 9.20 14.00
N SER C 135 -22.16 9.33 14.49
CA SER C 135 -21.91 9.81 15.83
C SER C 135 -20.60 10.58 15.79
N ARG C 136 -20.49 11.57 16.68
CA ARG C 136 -19.28 12.37 16.76
C ARG C 136 -18.08 11.46 17.02
N GLY C 137 -17.08 11.51 16.14
CA GLY C 137 -15.88 10.69 16.28
C GLY C 137 -15.94 9.32 15.63
N LEU C 138 -16.92 9.08 14.77
CA LEU C 138 -17.20 7.79 14.16
C LEU C 138 -17.53 8.00 12.70
N TYR C 139 -16.95 7.18 11.86
CA TYR C 139 -17.26 7.26 10.45
C TYR C 139 -17.68 5.86 10.02
N SER C 140 -18.71 5.80 9.18
CA SER C 140 -19.21 4.55 8.62
C SER C 140 -19.05 4.58 7.12
N VAL C 141 -18.53 3.49 6.56
CA VAL C 141 -18.14 3.45 5.14
C VAL C 141 -18.64 2.20 4.45
N HIS C 142 -18.96 2.34 3.15
CA HIS C 142 -19.55 1.30 2.32
C HIS C 142 -18.55 0.88 1.23
N ILE C 143 -17.74 -0.13 1.53
CA ILE C 143 -16.81 -0.66 0.54
C ILE C 143 -17.60 -1.45 -0.50
N ASN C 144 -17.21 -1.30 -1.79
CA ASN C 144 -17.81 -2.07 -2.89
C ASN C 144 -17.82 -3.55 -2.54
N PRO C 145 -18.98 -4.15 -2.33
CA PRO C 145 -19.03 -5.59 -1.99
C PRO C 145 -18.40 -6.51 -3.03
N TYR C 146 -18.35 -6.08 -4.29
CA TYR C 146 -17.73 -6.93 -5.30
C TYR C 146 -16.20 -7.00 -5.14
N LEU C 147 -15.61 -6.21 -4.24
CA LEU C 147 -14.18 -6.24 -3.99
C LEU C 147 -13.78 -7.29 -2.97
N ILE C 148 -14.73 -7.78 -2.15
CA ILE C 148 -14.38 -8.69 -1.05
C ILE C 148 -13.59 -9.89 -1.55
N PRO C 149 -14.02 -10.63 -2.57
CA PRO C 149 -13.23 -11.79 -3.00
C PRO C 149 -11.81 -11.43 -3.38
N PHE C 150 -11.59 -10.24 -3.98
CA PHE C 150 -10.23 -9.76 -4.29
C PHE C 150 -9.43 -9.47 -3.03
N PHE C 151 -10.08 -9.19 -1.90
CA PHE C 151 -9.29 -8.98 -0.70
C PHE C 151 -8.81 -10.29 -0.12
N ILE C 152 -9.70 -11.29 -0.05
CA ILE C 152 -9.37 -12.56 0.61
C ILE C 152 -8.73 -13.57 -0.37
N ASN C 156 -3.35 -20.91 -2.43
CA ASN C 156 -3.36 -19.74 -1.56
C ASN C 156 -2.14 -18.89 -1.80
N ARG C 157 -2.33 -17.88 -2.65
CA ARG C 157 -1.31 -16.95 -3.07
C ARG C 157 -1.65 -15.62 -2.41
N PHE C 158 -0.91 -15.24 -1.37
CA PHE C 158 -1.27 -14.10 -0.56
C PHE C 158 -0.02 -13.43 -0.01
N THR C 159 -0.22 -12.20 0.47
CA THR C 159 0.82 -11.35 1.01
C THR C 159 0.48 -11.04 2.45
N GLN C 160 1.48 -11.03 3.34
CA GLN C 160 1.18 -10.79 4.75
C GLN C 160 2.31 -10.06 5.44
N PHE C 161 1.93 -9.11 6.29
CA PHE C 161 2.85 -8.26 7.02
C PHE C 161 2.10 -7.75 8.25
N ARG C 162 2.85 -7.40 9.29
CA ARG C 162 2.25 -6.83 10.49
C ARG C 162 2.16 -5.31 10.34
N LEU C 163 1.11 -4.73 10.93
CA LEU C 163 0.81 -3.32 10.66
C LEU C 163 1.92 -2.41 11.16
N SER C 164 2.61 -2.80 12.23
CA SER C 164 3.77 -2.06 12.73
C SER C 164 4.90 -1.93 11.70
N GLU C 165 4.98 -2.85 10.73
CA GLU C 165 6.01 -2.79 9.71
C GLU C 165 5.85 -1.57 8.81
N THR C 166 4.64 -1.08 8.64
CA THR C 166 4.36 -0.03 7.67
C THR C 166 3.94 1.29 8.29
N LYS C 167 3.73 1.37 9.61
CA LYS C 167 3.07 2.53 10.14
C LYS C 167 3.96 3.79 10.20
N GLU C 168 5.27 3.68 9.97
CA GLU C 168 6.16 4.85 9.88
C GLU C 168 6.53 5.29 8.45
N ILE C 169 6.23 4.48 7.44
CA ILE C 169 6.49 4.90 6.07
C ILE C 169 5.66 6.13 5.72
N THR C 170 6.26 7.06 5.00
CA THR C 170 5.56 8.27 4.60
C THR C 170 5.17 8.32 3.13
N ASN C 171 6.06 8.02 2.23
CA ASN C 171 5.74 8.08 0.81
C ASN C 171 4.86 6.90 0.39
N PRO C 172 3.71 7.12 -0.24
CA PRO C 172 2.84 5.97 -0.53
C PRO C 172 3.45 5.01 -1.52
N TYR C 173 4.30 5.50 -2.44
CA TYR C 173 5.02 4.62 -3.35
C TYR C 173 5.98 3.73 -2.59
N ALA C 174 6.50 4.20 -1.45
CA ALA C 174 7.33 3.29 -0.69
C ALA C 174 6.50 2.22 0.00
N MET C 175 5.25 2.53 0.36
CA MET C 175 4.33 1.48 0.81
C MET C 175 4.05 0.44 -0.28
N ARG C 176 3.78 0.87 -1.52
N ARG C 176 3.79 0.88 -1.52
CA ARG C 176 3.54 -0.09 -2.58
CA ARG C 176 3.54 -0.09 -2.58
C ARG C 176 4.71 -1.05 -2.72
C ARG C 176 4.72 -1.04 -2.75
N LEU C 177 5.93 -0.51 -2.69
CA LEU C 177 7.11 -1.33 -2.88
C LEU C 177 7.27 -2.31 -1.74
N TYR C 178 7.00 -1.88 -0.50
CA TYR C 178 7.18 -2.83 0.60
C TYR C 178 6.19 -3.97 0.56
N GLU C 179 5.00 -3.72 0.05
CA GLU C 179 4.02 -4.79 -0.06
C GLU C 179 4.47 -5.80 -1.11
N SER C 180 5.02 -5.32 -2.23
N SER C 180 5.02 -5.32 -2.23
CA SER C 180 5.37 -6.26 -3.28
CA SER C 180 5.42 -6.24 -3.29
C SER C 180 6.58 -7.10 -2.91
C SER C 180 6.54 -7.13 -2.84
N LEU C 181 7.49 -6.58 -2.07
CA LEU C 181 8.58 -7.41 -1.60
C LEU C 181 8.08 -8.43 -0.59
N CYS C 182 7.12 -8.05 0.26
CA CYS C 182 6.59 -9.00 1.26
C CYS C 182 6.00 -10.20 0.55
N GLN C 183 5.37 -9.96 -0.61
CA GLN C 183 4.79 -11.02 -1.41
C GLN C 183 5.81 -12.13 -1.72
N TYR C 184 7.11 -11.81 -1.71
CA TYR C 184 8.15 -12.79 -2.03
C TYR C 184 8.92 -13.21 -0.78
N ARG C 185 8.47 -12.80 0.40
CA ARG C 185 9.24 -13.09 1.59
C ARG C 185 9.09 -14.55 1.99
N LYS C 186 10.16 -15.08 2.49
CA LYS C 186 10.32 -16.40 3.08
C LYS C 186 10.09 -16.34 4.58
N PRO C 187 9.78 -17.49 5.22
CA PRO C 187 9.57 -17.51 6.68
C PRO C 187 10.65 -16.82 7.49
N ASP C 188 11.93 -17.01 7.12
CA ASP C 188 13.05 -16.33 7.76
C ASP C 188 13.21 -14.88 7.34
N GLY C 189 12.33 -14.34 6.50
CA GLY C 189 12.34 -12.91 6.29
C GLY C 189 13.20 -12.44 5.14
N SER C 190 13.83 -13.34 4.40
CA SER C 190 14.62 -12.95 3.23
C SER C 190 13.84 -13.21 1.95
N GLY C 191 14.35 -12.65 0.86
CA GLY C 191 13.79 -12.93 -0.45
C GLY C 191 14.58 -12.18 -1.52
N ILE C 192 14.24 -12.49 -2.77
CA ILE C 192 14.88 -11.88 -3.94
C ILE C 192 13.87 -11.89 -5.08
N VAL C 193 13.74 -10.76 -5.79
CA VAL C 193 12.74 -10.60 -6.86
C VAL C 193 13.22 -9.56 -7.84
N SER C 194 12.89 -9.76 -9.12
CA SER C 194 13.18 -8.82 -10.19
C SER C 194 11.88 -8.20 -10.69
N LEU C 195 11.75 -6.90 -10.60
CA LEU C 195 10.52 -6.24 -11.05
C LEU C 195 10.82 -5.45 -12.31
N LYS C 196 9.93 -5.57 -13.30
CA LYS C 196 10.13 -4.90 -14.58
C LYS C 196 9.69 -3.44 -14.48
N ILE C 197 10.45 -2.53 -15.12
CA ILE C 197 10.23 -1.12 -14.84
C ILE C 197 8.86 -0.66 -15.38
N ASP C 198 8.50 -1.08 -16.60
CA ASP C 198 7.18 -0.74 -17.13
C ASP C 198 6.08 -1.25 -16.23
N TRP C 199 6.27 -2.43 -15.64
CA TRP C 199 5.22 -2.93 -14.77
C TRP C 199 5.08 -2.07 -13.51
N ILE C 200 6.22 -1.61 -12.94
CA ILE C 200 6.20 -0.68 -11.80
C ILE C 200 5.45 0.62 -12.16
N ILE C 201 5.72 1.16 -13.34
CA ILE C 201 5.12 2.43 -13.68
C ILE C 201 3.61 2.28 -13.85
N GLU C 202 3.19 1.13 -14.42
N GLU C 202 3.17 1.13 -14.37
CA GLU C 202 1.78 0.87 -14.65
CA GLU C 202 1.74 0.94 -14.61
C GLU C 202 1.05 0.57 -13.34
C GLU C 202 1.00 0.55 -13.33
N ARG C 203 1.51 -0.44 -12.59
CA ARG C 203 0.81 -0.91 -11.38
C ARG C 203 0.78 0.13 -10.26
N TYR C 204 1.88 0.83 -10.02
CA TYR C 204 1.86 1.82 -8.96
C TYR C 204 1.39 3.18 -9.45
N GLN C 205 1.19 3.32 -10.78
N GLN C 205 1.19 3.35 -10.77
CA GLN C 205 0.75 4.58 -11.43
CA GLN C 205 0.73 4.61 -11.36
C GLN C 205 1.67 5.76 -11.10
C GLN C 205 1.67 5.77 -11.06
N LEU C 206 2.98 5.54 -11.23
CA LEU C 206 3.95 6.63 -11.06
C LEU C 206 3.64 7.78 -12.02
N PRO C 207 3.95 9.02 -11.64
CA PRO C 207 3.64 10.18 -12.51
C PRO C 207 4.53 10.23 -13.73
N GLN C 208 4.07 11.00 -14.73
CA GLN C 208 4.60 10.87 -16.09
C GLN C 208 6.08 11.22 -16.19
N SER C 209 6.55 12.21 -15.44
CA SER C 209 7.96 12.55 -15.58
C SER C 209 8.90 11.47 -15.05
N TYR C 210 8.40 10.47 -14.34
CA TYR C 210 9.31 9.38 -13.97
C TYR C 210 9.51 8.37 -15.11
N GLN C 211 8.97 8.64 -16.29
CA GLN C 211 9.37 7.85 -17.45
C GLN C 211 10.75 8.22 -17.95
N ARG C 212 11.30 9.36 -17.52
CA ARG C 212 12.70 9.68 -17.73
C ARG C 212 13.51 9.04 -16.60
N MET C 213 14.39 8.10 -16.96
CA MET C 213 15.06 7.26 -15.96
C MET C 213 15.83 8.05 -14.88
N PRO C 214 16.53 9.15 -15.16
CA PRO C 214 17.20 9.84 -14.04
C PRO C 214 16.19 10.38 -13.01
N ASP C 215 15.00 10.80 -13.43
CA ASP C 215 13.99 11.21 -12.47
C ASP C 215 13.45 10.00 -11.72
N PHE C 216 13.22 8.87 -12.41
CA PHE C 216 12.83 7.63 -11.73
C PHE C 216 13.82 7.28 -10.62
N ARG C 217 15.11 7.25 -10.94
CA ARG C 217 16.15 7.00 -9.94
C ARG C 217 16.05 7.96 -8.75
N ARG C 218 16.03 9.27 -9.05
CA ARG C 218 16.28 10.26 -8.02
C ARG C 218 15.07 10.45 -7.08
N ARG C 219 13.84 10.48 -7.62
CA ARG C 219 12.68 10.87 -6.84
C ARG C 219 11.80 9.70 -6.39
N PHE C 220 11.95 8.50 -6.98
CA PHE C 220 11.23 7.30 -6.56
C PHE C 220 12.16 6.23 -5.99
N LEU C 221 13.11 5.70 -6.79
CA LEU C 221 13.86 4.51 -6.40
C LEU C 221 14.77 4.78 -5.19
N GLN C 222 15.65 5.78 -5.29
CA GLN C 222 16.52 6.07 -4.15
C GLN C 222 15.72 6.46 -2.90
N VAL C 223 14.67 7.27 -3.04
CA VAL C 223 13.95 7.71 -1.83
C VAL C 223 13.24 6.54 -1.16
N CYS C 224 12.56 5.66 -1.93
CA CYS C 224 11.79 4.61 -1.28
C CYS C 224 12.66 3.52 -0.70
N VAL C 225 13.80 3.21 -1.31
CA VAL C 225 14.69 2.26 -0.69
C VAL C 225 15.27 2.83 0.60
N ASN C 226 15.44 4.15 0.68
N ASN C 226 15.47 4.15 0.67
CA ASN C 226 15.96 4.74 1.91
CA ASN C 226 15.95 4.72 1.92
C ASN C 226 14.90 4.70 3.03
C ASN C 226 14.89 4.63 3.02
N GLU C 227 13.63 4.93 2.69
CA GLU C 227 12.57 4.87 3.71
C GLU C 227 12.49 3.47 4.31
N ILE C 228 12.39 2.45 3.45
CA ILE C 228 12.35 1.07 3.93
C ILE C 228 13.54 0.78 4.82
N ASN C 229 14.73 1.14 4.38
CA ASN C 229 15.88 0.86 5.24
C ASN C 229 15.86 1.63 6.56
N SER C 230 15.12 2.75 6.66
CA SER C 230 15.11 3.60 7.87
C SER C 230 13.89 3.42 8.74
N ARG C 231 12.79 2.99 8.13
CA ARG C 231 11.51 3.00 8.80
C ARG C 231 10.88 1.63 9.01
N THR C 232 11.45 0.56 8.48
CA THR C 232 10.93 -0.81 8.63
C THR C 232 12.03 -1.71 9.21
N PRO C 233 11.72 -2.96 9.59
CA PRO C 233 12.79 -3.87 10.02
C PRO C 233 13.55 -4.57 8.88
N MET C 234 13.25 -4.31 7.62
N MET C 234 13.22 -4.27 7.63
CA MET C 234 13.95 -5.03 6.57
CA MET C 234 13.83 -4.85 6.43
C MET C 234 15.05 -4.17 5.95
C MET C 234 15.12 -4.13 6.09
N ARG C 235 16.08 -4.86 5.48
CA ARG C 235 17.33 -4.28 4.97
C ARG C 235 17.41 -4.61 3.48
N LEU C 236 17.39 -3.57 2.65
CA LEU C 236 17.11 -3.70 1.22
C LEU C 236 18.28 -3.20 0.39
N SER C 237 18.67 -3.98 -0.64
CA SER C 237 19.68 -3.54 -1.63
C SER C 237 19.14 -3.85 -3.02
N TYR C 238 19.78 -3.29 -4.06
CA TYR C 238 19.29 -3.52 -5.42
C TYR C 238 20.41 -3.33 -6.44
N ILE C 239 20.19 -3.83 -7.67
CA ILE C 239 21.07 -3.60 -8.82
C ILE C 239 20.23 -3.45 -10.09
N GLU C 240 20.77 -2.76 -11.09
CA GLU C 240 20.01 -2.49 -12.29
C GLU C 240 20.34 -3.49 -13.40
N LYS C 241 19.30 -3.91 -14.12
CA LYS C 241 19.46 -4.82 -15.24
C LYS C 241 19.24 -3.96 -16.49
N LYS C 242 20.17 -4.04 -17.44
CA LYS C 242 20.23 -3.22 -18.63
C LYS C 242 20.08 -4.10 -19.87
N LYS C 243 19.64 -3.48 -20.97
CA LYS C 243 19.51 -4.10 -22.29
C LYS C 243 19.91 -3.02 -23.29
N GLY C 244 21.11 -3.11 -23.85
CA GLY C 244 21.57 -1.98 -24.67
C GLY C 244 21.89 -0.81 -23.77
N ARG C 245 21.34 0.37 -24.07
CA ARG C 245 21.47 1.53 -23.19
C ARG C 245 20.31 1.73 -22.21
N GLN C 246 19.22 0.96 -22.34
CA GLN C 246 18.06 1.04 -21.45
C GLN C 246 18.12 0.09 -20.25
N THR C 247 17.70 0.62 -19.10
CA THR C 247 17.51 -0.19 -17.89
C THR C 247 16.08 -0.71 -17.90
N THR C 248 15.93 -2.02 -17.79
CA THR C 248 14.65 -2.70 -17.97
C THR C 248 14.05 -3.25 -16.68
N HIS C 249 14.86 -3.81 -15.79
CA HIS C 249 14.37 -4.39 -14.55
C HIS C 249 15.19 -3.86 -13.39
N ILE C 250 14.63 -3.97 -12.21
CA ILE C 250 15.35 -3.75 -10.96
C ILE C 250 15.29 -5.02 -10.12
N VAL C 251 16.45 -5.49 -9.61
CA VAL C 251 16.53 -6.74 -8.85
C VAL C 251 16.77 -6.42 -7.39
N PHE C 252 15.82 -6.76 -6.53
CA PHE C 252 15.87 -6.42 -5.11
C PHE C 252 16.27 -7.65 -4.28
N SER C 253 17.19 -7.46 -3.32
CA SER C 253 17.46 -8.47 -2.33
C SER C 253 17.24 -7.88 -0.94
N PHE C 254 16.70 -8.70 -0.03
CA PHE C 254 16.47 -8.22 1.33
C PHE C 254 16.55 -9.38 2.31
N ARG C 255 16.83 -9.02 3.55
CA ARG C 255 16.89 -9.92 4.67
C ARG C 255 16.27 -9.17 5.84
N ASP C 256 16.05 -9.87 6.93
CA ASP C 256 15.43 -9.28 8.10
C ASP C 256 16.48 -8.98 9.16
N ILE C 257 16.27 -7.89 9.90
CA ILE C 257 17.23 -7.51 10.94
C ILE C 257 17.13 -8.41 12.18
N THR C 258 16.04 -9.14 12.34
CA THR C 258 15.91 -10.11 13.42
C THR C 258 16.74 -11.34 12.98
#